data_6F9H
#
_entry.id   6F9H
#
_cell.length_a   73.520
_cell.length_b   99.110
_cell.length_c   65.040
_cell.angle_alpha   90.000
_cell.angle_beta   90.000
_cell.angle_gamma   90.000
#
_symmetry.space_group_name_H-M   'P 21 21 2'
#
loop_
_entity.id
_entity.type
_entity.pdbx_description
1 polymer Beta-amylase
2 non-polymer 1,4-dideoxy-4-thio-nojirimycin
3 non-polymer alpha-D-glucopyranose
4 non-polymer 'CHLORIDE ION'
5 water water
#
_entity_poly.entity_id   1
_entity_poly.type   'polypeptide(L)'
_entity_poly.pdbx_seq_one_letter_code
;MEVNVKGNYVQVYVMLPLDAVSVNNRFEKGDELRAQLRKLVEAGVDGVMVDVWWGLVEGKGPKAYDWSAYKQLFELVQKA
GLKLQAIMSFHQCGGNVGDAVNIPIPQWVRDVGTRDPDIFYTDGHGTRNIEYLTLGVDNQPLFHGRSAVQMYADYMTSFR
ENMKEFLDAGVIVDIEVGLGPAGEMRYPSYPQSHGWSFPGIGEFICYDKYLQADFKAAAAAVGHPEWEFPNDVGQYNDTP
ERTQFFRDNGTYLSEKGRFFLAWYSNNLIKHGDRILDEANKVFLGYKVQLAIKISGIHWWYKVPSHAAELTAGYYNLHDR
DGYRTIARMLKRHRASINFTCAEMRDSEQSSQAMSAPEELVQQVLSAGWREGLNVACENALPRYDPTAYNTILRNARPHG
INQSGPPEHKLFGFTYLRLSNQLVEGQNYVNFKTFVDRMHANLPRDPYVDPMAPLPRSGPEISIEMILQAAQPKLQPFPF
QEHTDLPVGPTGGMGGQAEGPTCGMGGQVKGPTGGMGGQAEDPTSGMGGELPATM
;
_entity_poly.pdbx_strand_id   A
#
# COMPACT_ATOMS: atom_id res chain seq x y z
N VAL A 5 -12.37 7.64 27.77
CA VAL A 5 -12.29 6.22 27.27
C VAL A 5 -12.57 6.09 25.75
N LYS A 6 -13.50 6.87 25.21
CA LYS A 6 -13.89 6.80 23.80
C LYS A 6 -12.79 7.21 22.80
N GLY A 7 -11.94 8.17 23.18
CA GLY A 7 -10.75 8.49 22.40
C GLY A 7 -9.84 7.30 22.07
N ASN A 8 -9.94 6.23 22.86
CA ASN A 8 -9.13 5.02 22.63
C ASN A 8 -9.62 4.10 21.48
N TYR A 9 -10.87 4.29 21.07
CA TYR A 9 -11.54 3.40 20.09
C TYR A 9 -10.76 3.42 18.79
N VAL A 10 -10.41 2.23 18.29
CA VAL A 10 -9.77 2.09 16.99
C VAL A 10 -10.73 1.35 16.07
N GLN A 11 -11.04 1.94 14.92
CA GLN A 11 -11.94 1.26 13.96
C GLN A 11 -11.30 0.02 13.37
N VAL A 12 -12.13 -0.98 13.10
CA VAL A 12 -11.68 -2.20 12.47
C VAL A 12 -12.41 -2.40 11.13
N TYR A 13 -11.63 -2.61 10.07
CA TYR A 13 -12.15 -2.90 8.72
C TYR A 13 -11.71 -4.30 8.32
N VAL A 14 -12.51 -4.99 7.50
CA VAL A 14 -12.13 -6.28 6.93
C VAL A 14 -12.02 -6.21 5.38
N MET A 15 -10.93 -6.73 4.83
N MET A 15 -10.92 -6.70 4.83
CA MET A 15 -10.77 -6.85 3.40
CA MET A 15 -10.74 -6.82 3.38
C MET A 15 -11.74 -7.88 2.87
C MET A 15 -11.71 -7.88 2.85
N LEU A 16 -12.47 -7.53 1.82
CA LEU A 16 -13.33 -8.50 1.12
C LEU A 16 -12.45 -9.48 0.32
N PRO A 17 -13.01 -10.60 -0.18
CA PRO A 17 -12.24 -11.47 -1.08
C PRO A 17 -11.72 -10.77 -2.35
N LEU A 18 -10.65 -11.31 -2.92
CA LEU A 18 -10.04 -10.75 -4.14
C LEU A 18 -11.02 -10.75 -5.33
N ASP A 19 -11.88 -11.76 -5.39
CA ASP A 19 -12.95 -11.89 -6.41
C ASP A 19 -14.36 -11.53 -5.86
N ALA A 20 -14.44 -10.51 -5.03
CA ALA A 20 -15.75 -10.02 -4.54
C ALA A 20 -16.67 -9.66 -5.75
N VAL A 21 -16.04 -9.11 -6.77
CA VAL A 21 -16.55 -9.03 -8.13
C VAL A 21 -15.76 -10.05 -8.94
N SER A 22 -16.44 -10.88 -9.73
CA SER A 22 -15.78 -11.96 -10.49
C SER A 22 -14.79 -11.42 -11.52
N VAL A 23 -13.92 -12.29 -11.98
CA VAL A 23 -12.99 -11.94 -13.05
C VAL A 23 -13.63 -11.56 -14.40
N ASN A 24 -14.94 -11.81 -14.56
CA ASN A 24 -15.68 -11.38 -15.72
C ASN A 24 -16.52 -10.12 -15.40
N ASN A 25 -16.15 -9.38 -14.34
CA ASN A 25 -16.84 -8.16 -13.93
C ASN A 25 -18.34 -8.35 -13.70
N ARG A 26 -18.71 -9.46 -13.07
CA ARG A 26 -20.09 -9.66 -12.62
C ARG A 26 -20.12 -9.89 -11.11
N PHE A 27 -21.18 -9.42 -10.47
CA PHE A 27 -21.36 -9.62 -9.06
C PHE A 27 -22.11 -10.93 -8.76
N GLU A 28 -21.36 -11.95 -8.34
CA GLU A 28 -21.90 -13.29 -8.19
C GLU A 28 -22.08 -13.78 -6.77
N LYS A 29 -21.56 -13.06 -5.79
CA LYS A 29 -21.49 -13.55 -4.41
C LYS A 29 -22.49 -12.89 -3.44
N GLY A 30 -23.60 -12.38 -3.96
CA GLY A 30 -24.57 -11.66 -3.17
C GLY A 30 -25.12 -12.42 -1.98
N ASP A 31 -25.43 -13.70 -2.16
CA ASP A 31 -25.97 -14.54 -1.06
C ASP A 31 -24.92 -14.80 0.02
N GLU A 32 -23.77 -15.31 -0.41
CA GLU A 32 -22.61 -15.58 0.45
C GLU A 32 -22.16 -14.33 1.24
N LEU A 33 -21.89 -13.23 0.55
CA LEU A 33 -21.47 -11.98 1.22
C LEU A 33 -22.50 -11.39 2.19
N ARG A 34 -23.78 -11.47 1.85
CA ARG A 34 -24.85 -10.94 2.71
C ARG A 34 -24.83 -11.62 4.07
N ALA A 35 -24.66 -12.94 4.07
CA ALA A 35 -24.47 -13.74 5.29
C ALA A 35 -23.17 -13.35 6.01
N GLN A 36 -22.05 -13.40 5.28
CA GLN A 36 -20.73 -13.10 5.83
C GLN A 36 -20.67 -11.69 6.45
N LEU A 37 -21.23 -10.69 5.77
CA LEU A 37 -21.24 -9.32 6.30
C LEU A 37 -22.18 -9.17 7.49
N ARG A 38 -23.25 -9.93 7.56
CA ARG A 38 -24.12 -9.95 8.75
C ARG A 38 -23.31 -10.41 9.96
N LYS A 39 -22.46 -11.41 9.76
CA LYS A 39 -21.58 -11.89 10.81
C LYS A 39 -20.55 -10.85 11.22
N LEU A 40 -19.99 -10.11 10.27
CA LEU A 40 -19.07 -9.01 10.60
C LEU A 40 -19.75 -7.91 11.43
N VAL A 41 -21.00 -7.60 11.11
CA VAL A 41 -21.79 -6.59 11.85
C VAL A 41 -22.05 -7.10 13.28
N GLU A 42 -22.53 -8.34 13.39
CA GLU A 42 -22.68 -8.99 14.71
C GLU A 42 -21.39 -8.92 15.55
N ALA A 43 -20.23 -8.98 14.91
CA ALA A 43 -18.93 -8.82 15.59
C ALA A 43 -18.46 -7.36 15.86
N GLY A 44 -19.31 -6.38 15.60
CA GLY A 44 -18.95 -4.96 15.77
C GLY A 44 -18.06 -4.33 14.69
N VAL A 45 -17.87 -4.95 13.53
CA VAL A 45 -16.94 -4.42 12.53
C VAL A 45 -17.44 -3.07 12.01
N ASP A 46 -16.51 -2.13 11.81
CA ASP A 46 -16.85 -0.77 11.36
C ASP A 46 -17.04 -0.68 9.83
N GLY A 47 -16.23 -1.40 9.07
CA GLY A 47 -16.37 -1.41 7.62
C GLY A 47 -15.62 -2.49 6.90
N VAL A 48 -15.68 -2.44 5.57
CA VAL A 48 -14.92 -3.35 4.73
C VAL A 48 -14.05 -2.57 3.73
N MET A 49 -13.04 -3.25 3.23
CA MET A 49 -12.17 -2.70 2.20
C MET A 49 -12.33 -3.54 0.98
N VAL A 50 -12.22 -2.92 -0.19
CA VAL A 50 -12.33 -3.66 -1.44
C VAL A 50 -11.50 -3.10 -2.58
N ASP A 51 -10.91 -4.01 -3.35
CA ASP A 51 -10.19 -3.66 -4.58
C ASP A 51 -11.20 -3.31 -5.65
N VAL A 52 -11.01 -2.14 -6.26
CA VAL A 52 -11.81 -1.72 -7.41
C VAL A 52 -10.89 -1.86 -8.63
N TRP A 53 -10.94 -3.03 -9.27
CA TRP A 53 -9.96 -3.45 -10.28
C TRP A 53 -10.09 -2.68 -11.62
N TRP A 54 -9.06 -1.93 -11.97
CA TRP A 54 -8.94 -1.24 -13.27
C TRP A 54 -9.17 -2.18 -14.45
N GLY A 55 -8.55 -3.34 -14.36
CA GLY A 55 -8.73 -4.42 -15.35
C GLY A 55 -10.16 -4.87 -15.57
N LEU A 56 -10.98 -4.86 -14.52
CA LEU A 56 -12.37 -5.22 -14.68
C LEU A 56 -13.14 -4.06 -15.26
N VAL A 57 -13.01 -2.89 -14.65
CA VAL A 57 -13.89 -1.76 -14.95
C VAL A 57 -13.66 -1.12 -16.33
N GLU A 58 -12.40 -0.88 -16.68
CA GLU A 58 -12.04 -0.29 -17.99
C GLU A 58 -11.51 -1.34 -18.95
N GLY A 59 -11.97 -2.60 -18.82
CA GLY A 59 -11.41 -3.72 -19.56
C GLY A 59 -11.74 -3.74 -21.05
N LYS A 60 -12.91 -3.25 -21.41
CA LYS A 60 -13.34 -3.36 -22.81
C LYS A 60 -12.72 -2.32 -23.73
N GLY A 61 -12.19 -1.23 -23.19
CA GLY A 61 -11.62 -0.18 -24.03
C GLY A 61 -11.46 1.14 -23.28
N PRO A 62 -10.74 2.13 -23.87
CA PRO A 62 -10.53 3.44 -23.24
C PRO A 62 -11.85 4.16 -22.92
N LYS A 63 -12.02 4.48 -21.64
CA LYS A 63 -13.20 5.13 -21.09
C LYS A 63 -14.53 4.37 -21.16
N ALA A 64 -14.48 3.08 -21.43
CA ALA A 64 -15.65 2.23 -21.37
C ALA A 64 -15.70 1.67 -19.93
N TYR A 65 -16.18 2.49 -19.01
CA TYR A 65 -16.25 2.11 -17.60
C TYR A 65 -17.56 1.35 -17.35
N ASP A 66 -17.44 0.11 -16.88
CA ASP A 66 -18.59 -0.69 -16.48
C ASP A 66 -18.55 -0.85 -14.97
N TRP A 67 -19.31 0.02 -14.31
CA TRP A 67 -19.40 0.06 -12.86
C TRP A 67 -20.50 -0.82 -12.28
N SER A 68 -21.27 -1.54 -13.11
CA SER A 68 -22.53 -2.10 -12.59
C SER A 68 -22.39 -3.21 -11.53
N ALA A 69 -21.36 -4.04 -11.61
CA ALA A 69 -21.12 -5.04 -10.59
C ALA A 69 -20.69 -4.39 -9.27
N TYR A 70 -19.78 -3.41 -9.34
CA TYR A 70 -19.37 -2.68 -8.12
C TYR A 70 -20.52 -1.95 -7.45
N LYS A 71 -21.44 -1.43 -8.26
CA LYS A 71 -22.66 -0.82 -7.71
C LYS A 71 -23.53 -1.82 -6.92
N GLN A 72 -23.68 -3.03 -7.45
CA GLN A 72 -24.40 -4.07 -6.74
C GLN A 72 -23.71 -4.43 -5.43
N LEU A 73 -22.39 -4.62 -5.50
CA LEU A 73 -21.54 -4.85 -4.31
C LEU A 73 -21.73 -3.75 -3.27
N PHE A 74 -21.61 -2.50 -3.70
CA PHE A 74 -21.69 -1.36 -2.77
C PHE A 74 -23.07 -1.18 -2.17
N GLU A 75 -24.14 -1.45 -2.94
CA GLU A 75 -25.52 -1.44 -2.38
C GLU A 75 -25.67 -2.44 -1.22
N LEU A 76 -25.07 -3.61 -1.37
CA LEU A 76 -25.10 -4.62 -0.35
C LEU A 76 -24.33 -4.16 0.90
N VAL A 77 -23.19 -3.49 0.70
CA VAL A 77 -22.41 -2.98 1.85
C VAL A 77 -23.25 -1.96 2.61
N GLN A 78 -23.79 -0.99 1.90
CA GLN A 78 -24.73 -0.03 2.48
C GLN A 78 -25.91 -0.65 3.21
N LYS A 79 -26.57 -1.64 2.59
CA LYS A 79 -27.72 -2.28 3.24
C LYS A 79 -27.33 -2.96 4.58
N ALA A 80 -26.10 -3.48 4.65
CA ALA A 80 -25.58 -4.09 5.89
C ALA A 80 -25.26 -3.05 6.97
N GLY A 81 -24.98 -1.82 6.57
CA GLY A 81 -24.74 -0.71 7.46
C GLY A 81 -23.27 -0.53 7.77
N LEU A 82 -22.41 -0.98 6.86
CA LEU A 82 -20.95 -0.88 7.02
C LEU A 82 -20.38 0.27 6.19
N LYS A 83 -19.32 0.88 6.70
CA LYS A 83 -18.52 1.86 5.94
C LYS A 83 -17.67 1.10 4.94
N LEU A 84 -17.06 1.81 4.01
N LEU A 84 -17.06 1.82 4.00
CA LEU A 84 -16.36 1.19 2.87
CA LEU A 84 -16.37 1.20 2.86
C LEU A 84 -15.07 1.95 2.51
C LEU A 84 -15.07 1.96 2.52
N GLN A 85 -13.97 1.22 2.38
CA GLN A 85 -12.67 1.75 1.90
C GLN A 85 -12.45 1.22 0.49
N ALA A 86 -12.43 2.11 -0.49
CA ALA A 86 -12.27 1.71 -1.88
C ALA A 86 -10.82 1.87 -2.31
N ILE A 87 -10.22 0.80 -2.81
CA ILE A 87 -8.88 0.87 -3.38
C ILE A 87 -8.99 1.10 -4.89
N MET A 88 -8.31 2.13 -5.38
CA MET A 88 -8.17 2.33 -6.84
C MET A 88 -7.03 1.40 -7.30
N SER A 89 -7.44 0.21 -7.76
CA SER A 89 -6.48 -0.85 -8.00
C SER A 89 -6.01 -0.85 -9.44
N PHE A 90 -4.92 -0.14 -9.69
CA PHE A 90 -4.36 0.02 -11.05
C PHE A 90 -3.29 -1.02 -11.33
N HIS A 91 -3.42 -2.18 -10.66
CA HIS A 91 -2.45 -3.23 -10.72
C HIS A 91 -3.14 -4.56 -11.06
N GLN A 92 -2.32 -5.53 -11.44
CA GLN A 92 -2.78 -6.90 -11.68
C GLN A 92 -2.92 -7.69 -10.37
N CYS A 93 -3.99 -8.48 -10.24
N CYS A 93 -3.99 -8.48 -10.31
CA CYS A 93 -4.02 -9.55 -9.24
CA CYS A 93 -4.24 -9.47 -9.27
C CYS A 93 -3.41 -10.78 -9.87
C CYS A 93 -3.79 -10.84 -9.78
N GLY A 94 -2.42 -11.34 -9.19
N GLY A 94 -3.18 -11.65 -8.91
CA GLY A 94 -1.71 -12.53 -9.66
CA GLY A 94 -2.76 -13.00 -9.28
C GLY A 94 -0.21 -12.42 -9.47
C GLY A 94 -1.80 -13.01 -10.46
N GLY A 95 0.39 -13.49 -8.94
N GLY A 95 -1.90 -14.02 -11.31
CA GLY A 95 1.84 -13.55 -8.79
CA GLY A 95 -1.02 -14.11 -12.48
C GLY A 95 2.30 -13.17 -7.39
C GLY A 95 0.08 -15.12 -12.31
N ASN A 96 1.55 -12.27 -6.76
N ASN A 96 0.20 -15.68 -11.11
CA ASN A 96 1.88 -11.82 -5.41
CA ASN A 96 1.24 -16.66 -10.78
C ASN A 96 1.28 -12.76 -4.36
C ASN A 96 0.72 -18.09 -10.82
N VAL A 97 1.98 -12.96 -3.24
N VAL A 97 1.66 -19.02 -10.96
CA VAL A 97 1.55 -13.92 -2.22
CA VAL A 97 1.36 -20.41 -11.27
C VAL A 97 0.06 -13.77 -1.86
C VAL A 97 0.31 -21.09 -10.39
N GLY A 98 -0.65 -14.89 -1.83
N GLY A 98 0.05 -20.55 -9.21
CA GLY A 98 -2.06 -14.91 -1.47
CA GLY A 98 -0.85 -21.25 -8.29
C GLY A 98 -3.05 -14.69 -2.60
C GLY A 98 -1.99 -20.39 -7.79
N ASP A 99 -2.56 -14.27 -3.76
N ASP A 99 -2.12 -19.22 -8.41
CA ASP A 99 -3.44 -13.99 -4.93
CA ASP A 99 -3.11 -18.22 -7.98
C ASP A 99 -3.96 -15.29 -5.54
C ASP A 99 -4.51 -18.61 -8.45
N ALA A 100 -5.22 -15.63 -5.26
N ALA A 100 -5.51 -18.30 -7.63
CA ALA A 100 -5.75 -16.90 -5.76
CA ALA A 100 -6.88 -18.71 -7.92
C ALA A 100 -6.33 -16.72 -7.16
C ALA A 100 -7.63 -17.60 -8.64
N VAL A 101 -6.71 -15.49 -7.49
N VAL A 101 -7.15 -16.36 -8.48
CA VAL A 101 -7.38 -15.20 -8.75
CA VAL A 101 -7.79 -15.17 -9.05
C VAL A 101 -6.51 -14.41 -9.69
C VAL A 101 -6.82 -14.33 -9.86
N ASN A 102 -7.01 -14.17 -10.89
N ASN A 102 -6.81 -14.47 -11.18
CA ASN A 102 -6.18 -13.61 -11.95
CA ASN A 102 -5.99 -13.59 -12.01
C ASN A 102 -6.88 -12.47 -12.68
C ASN A 102 -6.85 -12.49 -12.65
N ILE A 103 -6.49 -11.23 -12.38
CA ILE A 103 -7.12 -10.04 -12.98
C ILE A 103 -6.03 -9.10 -13.50
N PRO A 104 -5.66 -9.24 -14.80
CA PRO A 104 -4.68 -8.31 -15.37
C PRO A 104 -5.20 -6.89 -15.45
N ILE A 105 -4.30 -5.95 -15.71
CA ILE A 105 -4.66 -4.59 -16.15
C ILE A 105 -5.36 -4.68 -17.54
N PRO A 106 -6.00 -3.59 -18.00
CA PRO A 106 -6.80 -3.74 -19.22
C PRO A 106 -6.02 -4.32 -20.41
N GLN A 107 -6.69 -5.18 -21.16
CA GLN A 107 -6.07 -5.84 -22.31
C GLN A 107 -5.60 -4.80 -23.36
N TRP A 108 -6.38 -3.74 -23.53
CA TRP A 108 -6.03 -2.73 -24.52
C TRP A 108 -4.78 -1.91 -24.11
N VAL A 109 -4.53 -1.82 -22.79
CA VAL A 109 -3.30 -1.23 -22.29
C VAL A 109 -2.11 -2.18 -22.54
N ARG A 110 -2.29 -3.47 -22.26
CA ARG A 110 -1.29 -4.49 -22.63
C ARG A 110 -0.99 -4.57 -24.13
N ASP A 111 -1.99 -4.33 -24.96
N ASP A 111 -2.00 -4.34 -24.97
CA ASP A 111 -1.80 -4.27 -26.41
CA ASP A 111 -1.82 -4.23 -26.44
C ASP A 111 -0.83 -3.16 -26.84
C ASP A 111 -0.81 -3.16 -26.83
N VAL A 112 -0.87 -2.01 -26.17
CA VAL A 112 0.14 -0.94 -26.37
C VAL A 112 1.54 -1.49 -26.08
N GLY A 113 1.67 -2.33 -25.05
CA GLY A 113 2.95 -2.91 -24.70
C GLY A 113 3.55 -3.88 -25.69
N THR A 114 2.74 -4.48 -26.57
CA THR A 114 3.28 -5.32 -27.62
C THR A 114 4.07 -4.51 -28.63
N ARG A 115 3.78 -3.21 -28.73
CA ARG A 115 4.54 -2.29 -29.59
C ARG A 115 5.61 -1.48 -28.82
N ASP A 116 5.28 -1.06 -27.60
CA ASP A 116 6.19 -0.28 -26.74
C ASP A 116 6.30 -1.06 -25.43
N PRO A 117 7.24 -2.01 -25.38
CA PRO A 117 7.37 -2.82 -24.19
C PRO A 117 7.91 -2.02 -23.01
N ASP A 118 8.48 -0.84 -23.28
CA ASP A 118 9.02 0.00 -22.21
C ASP A 118 7.98 0.69 -21.32
N ILE A 119 6.70 0.42 -21.56
CA ILE A 119 5.64 0.82 -20.66
C ILE A 119 5.63 0.05 -19.31
N PHE A 120 6.34 -1.05 -19.23
CA PHE A 120 6.41 -1.92 -18.06
C PHE A 120 7.76 -1.75 -17.35
N TYR A 121 7.72 -1.79 -16.01
CA TYR A 121 8.97 -1.87 -15.23
C TYR A 121 9.82 -3.05 -15.78
N THR A 122 11.09 -2.79 -15.99
CA THR A 122 11.98 -3.71 -16.67
C THR A 122 13.25 -3.92 -15.83
N ASP A 123 13.64 -5.18 -15.61
CA ASP A 123 14.84 -5.51 -14.87
C ASP A 123 16.11 -5.54 -15.70
N GLY A 124 17.24 -5.82 -15.06
CA GLY A 124 18.54 -5.80 -15.70
C GLY A 124 18.76 -6.86 -16.75
N HIS A 125 18.01 -7.93 -16.72
CA HIS A 125 18.07 -8.92 -17.83
C HIS A 125 17.07 -8.64 -18.96
N GLY A 126 16.31 -7.55 -18.83
CA GLY A 126 15.34 -7.13 -19.83
C GLY A 126 13.94 -7.69 -19.64
N THR A 127 13.69 -8.42 -18.55
CA THR A 127 12.39 -8.98 -18.33
C THR A 127 11.39 -7.85 -18.04
N ARG A 128 10.21 -7.95 -18.66
CA ARG A 128 9.09 -7.01 -18.54
C ARG A 128 8.09 -7.52 -17.49
N ASN A 129 7.84 -6.71 -16.47
CA ASN A 129 6.83 -7.00 -15.49
C ASN A 129 5.52 -6.33 -15.95
N ILE A 130 4.50 -7.14 -16.21
CA ILE A 130 3.21 -6.66 -16.68
C ILE A 130 2.18 -6.26 -15.60
N GLU A 131 2.54 -6.20 -14.32
CA GLU A 131 1.53 -5.99 -13.27
C GLU A 131 1.10 -4.53 -13.05
N TYR A 132 1.87 -3.57 -13.56
CA TYR A 132 1.68 -2.13 -13.30
C TYR A 132 2.49 -1.33 -14.35
N LEU A 133 2.07 -0.13 -14.71
CA LEU A 133 2.80 0.63 -15.71
C LEU A 133 3.90 1.37 -15.05
N THR A 134 5.07 1.42 -15.68
CA THR A 134 6.21 2.19 -15.12
C THR A 134 5.90 3.66 -14.86
N LEU A 135 6.39 4.17 -13.73
CA LEU A 135 6.29 5.58 -13.42
C LEU A 135 6.99 6.44 -14.51
N GLY A 136 7.93 5.83 -15.23
CA GLY A 136 8.47 6.37 -16.46
C GLY A 136 7.48 6.92 -17.49
N VAL A 137 6.28 6.37 -17.56
CA VAL A 137 5.26 6.82 -18.51
C VAL A 137 4.09 7.58 -17.89
N ASP A 138 4.28 8.07 -16.66
CA ASP A 138 3.26 8.85 -15.96
C ASP A 138 2.79 10.00 -16.84
N ASN A 139 3.73 10.69 -17.47
CA ASN A 139 3.41 11.84 -18.35
C ASN A 139 3.66 11.65 -19.85
N GLN A 140 3.70 10.41 -20.30
CA GLN A 140 3.92 10.09 -21.71
C GLN A 140 2.57 9.69 -22.32
N PRO A 141 2.12 10.41 -23.37
CA PRO A 141 0.78 10.17 -23.92
C PRO A 141 0.75 9.00 -24.91
N LEU A 142 1.01 7.79 -24.39
CA LEU A 142 1.17 6.59 -25.20
C LEU A 142 -0.07 5.74 -25.32
N PHE A 143 -1.12 6.06 -24.58
CA PHE A 143 -2.28 5.16 -24.42
C PHE A 143 -3.50 5.73 -25.11
N HIS A 144 -3.51 5.59 -26.44
CA HIS A 144 -4.56 6.16 -27.29
C HIS A 144 -4.81 7.62 -26.95
N GLY A 145 -3.71 8.39 -26.92
CA GLY A 145 -3.77 9.81 -26.65
C GLY A 145 -3.60 10.23 -25.20
N ARG A 146 -3.69 9.30 -24.23
CA ARG A 146 -3.61 9.64 -22.81
C ARG A 146 -2.32 9.12 -22.17
N SER A 147 -1.86 9.86 -21.14
CA SER A 147 -0.75 9.45 -20.29
C SER A 147 -1.26 8.53 -19.20
N ALA A 148 -0.34 7.89 -18.48
CA ALA A 148 -0.74 7.03 -17.38
C ALA A 148 -1.48 7.81 -16.27
N VAL A 149 -0.95 8.97 -15.92
CA VAL A 149 -1.61 9.85 -14.91
C VAL A 149 -3.03 10.27 -15.33
N GLN A 150 -3.21 10.60 -16.61
CA GLN A 150 -4.55 10.95 -17.13
C GLN A 150 -5.51 9.77 -17.01
N MET A 151 -5.05 8.58 -17.38
CA MET A 151 -5.82 7.37 -17.17
C MET A 151 -6.29 7.17 -15.69
N TYR A 152 -5.37 7.36 -14.74
CA TYR A 152 -5.70 7.21 -13.32
C TYR A 152 -6.71 8.23 -12.86
N ALA A 153 -6.48 9.49 -13.24
CA ALA A 153 -7.37 10.61 -12.93
C ALA A 153 -8.78 10.39 -13.53
N ASP A 154 -8.85 9.98 -14.80
CA ASP A 154 -10.15 9.78 -15.47
C ASP A 154 -10.93 8.67 -14.79
N TYR A 155 -10.22 7.61 -14.38
CA TYR A 155 -10.82 6.47 -13.71
C TYR A 155 -11.42 6.91 -12.36
N MET A 156 -10.65 7.68 -11.60
CA MET A 156 -11.13 8.21 -10.33
C MET A 156 -12.33 9.16 -10.53
N THR A 157 -12.30 9.96 -11.58
CA THR A 157 -13.41 10.88 -11.86
C THR A 157 -14.68 10.07 -12.16
N SER A 158 -14.54 9.01 -12.94
CA SER A 158 -15.69 8.19 -13.33
C SER A 158 -16.26 7.44 -12.12
N PHE A 159 -15.36 6.98 -11.25
CA PHE A 159 -15.74 6.41 -9.94
C PHE A 159 -16.54 7.44 -9.14
N ARG A 160 -16.01 8.65 -8.99
CA ARG A 160 -16.73 9.66 -8.25
C ARG A 160 -18.15 9.91 -8.77
N GLU A 161 -18.27 10.15 -10.07
CA GLU A 161 -19.59 10.43 -10.70
C GLU A 161 -20.54 9.26 -10.54
N ASN A 162 -20.05 8.05 -10.75
CA ASN A 162 -20.92 6.86 -10.68
C ASN A 162 -21.29 6.43 -9.25
N MET A 163 -20.40 6.66 -8.28
CA MET A 163 -20.63 6.24 -6.90
C MET A 163 -21.00 7.40 -5.98
N LYS A 164 -21.36 8.53 -6.58
CA LYS A 164 -21.73 9.76 -5.87
C LYS A 164 -22.68 9.54 -4.70
N GLU A 165 -23.69 8.71 -4.89
CA GLU A 165 -24.69 8.49 -3.86
C GLU A 165 -24.14 7.75 -2.64
N PHE A 166 -23.22 6.81 -2.87
CA PHE A 166 -22.54 6.13 -1.78
C PHE A 166 -21.57 7.08 -1.06
N LEU A 167 -20.97 8.01 -1.80
CA LEU A 167 -20.15 9.07 -1.22
C LEU A 167 -21.02 10.03 -0.39
N ASP A 168 -22.11 10.52 -0.95
CA ASP A 168 -23.00 11.42 -0.22
C ASP A 168 -23.66 10.78 0.99
N ALA A 169 -23.92 9.47 0.93
CA ALA A 169 -24.54 8.78 2.06
C ALA A 169 -23.55 8.43 3.19
N GLY A 170 -22.28 8.79 3.04
CA GLY A 170 -21.24 8.46 4.01
C GLY A 170 -20.90 6.97 4.11
N VAL A 171 -21.17 6.20 3.07
CA VAL A 171 -20.84 4.79 3.01
C VAL A 171 -19.34 4.67 2.67
N ILE A 172 -18.93 5.34 1.59
CA ILE A 172 -17.53 5.37 1.19
C ILE A 172 -16.85 6.47 1.98
N VAL A 173 -15.81 6.10 2.74
CA VAL A 173 -15.11 7.02 3.66
C VAL A 173 -13.60 7.12 3.42
N ASP A 174 -13.07 6.31 2.52
CA ASP A 174 -11.64 6.25 2.33
C ASP A 174 -11.38 5.81 0.90
N ILE A 175 -10.45 6.50 0.21
CA ILE A 175 -9.99 6.15 -1.12
C ILE A 175 -8.50 5.85 -1.03
N GLU A 176 -8.14 4.58 -1.17
CA GLU A 176 -6.73 4.19 -1.15
C GLU A 176 -6.24 4.22 -2.59
N VAL A 177 -5.26 5.06 -2.88
CA VAL A 177 -4.75 5.18 -4.28
C VAL A 177 -3.60 4.20 -4.54
N GLY A 178 -3.85 3.23 -5.45
CA GLY A 178 -2.86 2.24 -5.80
C GLY A 178 -1.78 2.94 -6.58
N LEU A 179 -0.53 2.71 -6.19
CA LEU A 179 0.62 3.43 -6.75
C LEU A 179 1.69 2.51 -7.30
N GLY A 180 1.37 1.23 -7.39
CA GLY A 180 2.34 0.27 -7.85
C GLY A 180 1.82 -1.14 -7.79
N PRO A 181 2.72 -2.12 -7.97
CA PRO A 181 2.31 -3.52 -7.83
C PRO A 181 1.69 -3.77 -6.45
N ALA A 182 0.63 -4.59 -6.47
CA ALA A 182 -0.16 -4.92 -5.29
C ALA A 182 -0.81 -3.69 -4.66
N GLY A 183 -0.90 -2.59 -5.42
CA GLY A 183 -1.44 -1.33 -4.95
C GLY A 183 -0.50 -0.55 -4.03
N GLU A 184 0.75 -1.00 -3.92
CA GLU A 184 1.72 -0.41 -3.00
C GLU A 184 2.66 0.54 -3.74
N MET A 185 3.04 1.64 -3.07
CA MET A 185 3.97 2.62 -3.62
C MET A 185 5.37 2.06 -3.50
N ARG A 186 5.76 1.33 -4.54
CA ARG A 186 7.07 0.68 -4.65
C ARG A 186 7.32 0.21 -6.09
N TYR A 187 8.54 -0.22 -6.35
CA TYR A 187 8.91 -0.96 -7.52
C TYR A 187 8.61 -2.47 -7.30
N PRO A 188 8.46 -3.25 -8.36
CA PRO A 188 8.28 -4.71 -8.28
C PRO A 188 9.61 -5.44 -8.13
N SER A 189 10.26 -5.22 -7.01
CA SER A 189 11.60 -5.66 -6.83
C SER A 189 11.69 -7.11 -6.34
N TYR A 190 10.55 -7.69 -5.95
CA TYR A 190 10.52 -9.09 -5.44
C TYR A 190 9.44 -9.97 -6.08
N PRO A 191 9.53 -10.16 -7.39
CA PRO A 191 8.44 -10.86 -8.08
C PRO A 191 8.64 -12.37 -8.10
N GLN A 192 7.68 -13.11 -7.56
CA GLN A 192 7.70 -14.58 -7.64
C GLN A 192 7.73 -15.08 -9.10
N SER A 193 7.04 -14.39 -10.00
CA SER A 193 7.04 -14.81 -11.43
C SER A 193 8.41 -14.71 -12.11
N HIS A 194 9.27 -13.80 -11.66
CA HIS A 194 10.67 -13.72 -12.17
C HIS A 194 11.67 -14.55 -11.38
N GLY A 195 11.18 -15.36 -10.44
CA GLY A 195 12.02 -16.29 -9.71
C GLY A 195 12.54 -15.84 -8.36
N TRP A 196 12.14 -14.66 -7.88
CA TRP A 196 12.47 -14.27 -6.52
C TRP A 196 11.80 -15.20 -5.52
N SER A 197 12.50 -15.49 -4.44
CA SER A 197 11.84 -16.06 -3.29
C SER A 197 12.42 -15.51 -1.98
N PHE A 198 11.59 -15.50 -0.95
CA PHE A 198 11.97 -14.93 0.34
C PHE A 198 13.22 -15.63 0.89
N PRO A 199 14.21 -14.93 1.44
CA PRO A 199 14.32 -13.47 1.61
C PRO A 199 15.40 -12.86 0.70
N GLY A 200 15.31 -13.10 -0.59
CA GLY A 200 16.25 -12.50 -1.53
C GLY A 200 16.21 -10.97 -1.46
N ILE A 201 17.36 -10.35 -1.68
CA ILE A 201 17.48 -8.89 -1.66
C ILE A 201 16.65 -8.12 -2.72
N GLY A 202 16.22 -8.81 -3.79
CA GLY A 202 15.50 -8.17 -4.85
C GLY A 202 16.45 -7.51 -5.82
N GLU A 203 15.87 -6.78 -6.78
CA GLU A 203 16.63 -6.08 -7.81
C GLU A 203 16.02 -4.70 -8.08
N PHE A 204 16.87 -3.84 -8.64
CA PHE A 204 16.45 -2.50 -9.08
C PHE A 204 15.74 -2.66 -10.40
N ILE A 205 14.50 -2.21 -10.50
CA ILE A 205 13.69 -2.38 -11.70
C ILE A 205 13.55 -1.05 -12.47
N CYS A 206 14.66 -0.50 -12.89
CA CYS A 206 14.72 0.80 -13.54
C CYS A 206 15.29 0.77 -14.97
N TYR A 207 15.19 -0.35 -15.65
CA TYR A 207 15.82 -0.50 -16.97
C TYR A 207 14.93 -0.20 -18.15
N ASP A 208 13.67 0.14 -17.94
CA ASP A 208 12.83 0.57 -19.07
C ASP A 208 13.46 1.85 -19.69
N LYS A 209 13.33 2.03 -20.99
CA LYS A 209 14.04 3.11 -21.68
C LYS A 209 13.67 4.50 -21.13
N TYR A 210 12.46 4.66 -20.62
CA TYR A 210 12.02 5.95 -20.10
C TYR A 210 12.77 6.33 -18.83
N LEU A 211 12.91 5.38 -17.91
CA LEU A 211 13.66 5.59 -16.71
C LEU A 211 15.16 5.68 -17.02
N GLN A 212 15.67 4.93 -17.99
CA GLN A 212 17.08 5.07 -18.38
C GLN A 212 17.42 6.46 -18.85
N ALA A 213 16.52 7.07 -19.62
CA ALA A 213 16.72 8.40 -20.17
C ALA A 213 16.60 9.43 -19.04
N ASP A 214 15.71 9.16 -18.10
CA ASP A 214 15.55 10.03 -16.93
C ASP A 214 16.82 10.05 -16.11
N PHE A 215 17.39 8.88 -15.84
CA PHE A 215 18.69 8.79 -15.15
C PHE A 215 19.81 9.56 -15.87
N LYS A 216 19.97 9.36 -17.17
CA LYS A 216 21.03 10.06 -17.90
C LYS A 216 20.87 11.57 -17.79
N ALA A 217 19.64 12.06 -17.88
CA ALA A 217 19.38 13.49 -17.75
C ALA A 217 19.72 13.95 -16.33
N ALA A 218 19.32 13.17 -15.30
CA ALA A 218 19.62 13.56 -13.91
C ALA A 218 21.15 13.59 -13.64
N ALA A 219 21.86 12.65 -14.23
CA ALA A 219 23.29 12.50 -14.08
C ALA A 219 24.07 13.62 -14.76
N ALA A 220 23.66 13.93 -15.98
CA ALA A 220 24.23 15.06 -16.72
C ALA A 220 24.01 16.38 -15.95
N ALA A 221 22.84 16.53 -15.33
CA ALA A 221 22.50 17.72 -14.58
C ALA A 221 23.33 17.94 -13.32
N VAL A 222 24.04 16.91 -12.83
CA VAL A 222 25.06 17.10 -11.76
C VAL A 222 26.52 16.94 -12.22
N GLY A 223 26.76 17.12 -13.52
CA GLY A 223 28.10 17.04 -14.09
C GLY A 223 28.71 15.66 -14.23
N HIS A 224 27.88 14.61 -14.20
CA HIS A 224 28.36 13.24 -14.40
C HIS A 224 27.55 12.48 -15.46
N PRO A 225 27.61 12.95 -16.73
CA PRO A 225 26.83 12.31 -17.81
C PRO A 225 27.26 10.87 -18.13
N GLU A 226 28.52 10.55 -17.87
CA GLU A 226 29.04 9.18 -18.03
C GLU A 226 28.40 8.11 -17.10
N TRP A 227 28.02 8.51 -15.88
CA TRP A 227 27.52 7.58 -14.84
C TRP A 227 26.46 6.61 -15.37
N GLU A 228 26.49 5.39 -14.83
CA GLU A 228 25.54 4.35 -15.19
C GLU A 228 24.97 3.76 -13.93
N PHE A 229 23.94 2.93 -14.08
CA PHE A 229 23.37 2.18 -12.96
C PHE A 229 24.48 1.33 -12.33
N PRO A 230 24.40 1.07 -11.02
CA PRO A 230 25.39 0.12 -10.42
C PRO A 230 25.26 -1.26 -11.02
N ASN A 231 26.39 -1.91 -11.25
CA ASN A 231 26.43 -3.25 -11.82
C ASN A 231 27.12 -4.29 -10.89
N ASP A 232 27.15 -4.00 -9.59
CA ASP A 232 27.75 -4.91 -8.60
C ASP A 232 26.70 -5.23 -7.55
N VAL A 233 25.47 -5.42 -8.04
CA VAL A 233 24.25 -5.56 -7.23
C VAL A 233 23.70 -6.99 -7.11
N GLY A 234 24.32 -7.95 -7.78
CA GLY A 234 23.90 -9.35 -7.72
C GLY A 234 22.54 -9.54 -8.38
N GLN A 235 21.69 -10.40 -7.80
CA GLN A 235 20.41 -10.78 -8.40
C GLN A 235 19.35 -11.02 -7.33
N TYR A 236 18.10 -11.18 -7.78
CA TYR A 236 16.93 -11.35 -6.89
C TYR A 236 17.18 -12.11 -5.61
N ASN A 237 17.80 -13.30 -5.73
CA ASN A 237 17.90 -14.23 -4.60
C ASN A 237 19.24 -14.16 -3.86
N ASP A 238 20.09 -13.20 -4.18
CA ASP A 238 21.35 -13.03 -3.43
C ASP A 238 21.07 -12.59 -1.98
N THR A 239 22.09 -12.75 -1.14
CA THR A 239 22.16 -12.04 0.13
C THR A 239 23.14 -10.85 0.02
N PRO A 240 23.03 -9.87 0.93
CA PRO A 240 23.83 -8.63 0.78
C PRO A 240 25.34 -8.84 0.77
N GLU A 241 25.84 -9.71 1.66
CA GLU A 241 27.27 -10.02 1.75
C GLU A 241 27.88 -10.54 0.41
N ARG A 242 27.06 -11.17 -0.44
CA ARG A 242 27.52 -11.71 -1.72
C ARG A 242 27.60 -10.69 -2.87
N THR A 243 27.34 -9.41 -2.60
CA THR A 243 27.44 -8.34 -3.60
C THR A 243 28.34 -7.23 -3.09
N GLN A 244 29.13 -6.63 -3.98
CA GLN A 244 29.94 -5.45 -3.63
C GLN A 244 29.10 -4.20 -3.33
N PHE A 245 27.85 -4.14 -3.81
CA PHE A 245 27.02 -2.95 -3.59
C PHE A 245 26.43 -2.93 -2.21
N PHE A 246 25.83 -4.06 -1.80
CA PHE A 246 25.07 -4.13 -0.55
C PHE A 246 25.85 -4.64 0.67
N ARG A 247 27.07 -5.12 0.49
CA ARG A 247 27.83 -5.64 1.63
C ARG A 247 28.19 -4.50 2.58
N ASP A 248 28.55 -4.85 3.82
CA ASP A 248 28.98 -3.85 4.81
C ASP A 248 30.09 -3.02 4.20
N ASN A 249 29.99 -1.70 4.36
CA ASN A 249 30.92 -0.75 3.75
C ASN A 249 31.02 -0.93 2.22
N GLY A 250 29.91 -1.29 1.61
CA GLY A 250 29.85 -1.50 0.17
C GLY A 250 29.69 -0.21 -0.62
N THR A 251 29.49 -0.37 -1.92
CA THR A 251 29.52 0.75 -2.84
C THR A 251 28.20 1.54 -2.78
N TYR A 252 27.19 1.04 -2.07
CA TYR A 252 26.00 1.83 -1.80
C TYR A 252 26.36 3.14 -1.04
N LEU A 253 27.47 3.16 -0.31
CA LEU A 253 27.97 4.35 0.38
C LEU A 253 28.75 5.34 -0.47
N SER A 254 29.12 4.96 -1.68
CA SER A 254 29.89 5.86 -2.57
C SER A 254 29.02 7.00 -3.09
N GLU A 255 29.69 8.04 -3.59
CA GLU A 255 28.98 9.21 -4.16
C GLU A 255 28.00 8.79 -5.30
N LYS A 256 28.51 7.93 -6.17
CA LYS A 256 27.76 7.30 -7.25
C LYS A 256 26.55 6.50 -6.74
N GLY A 257 26.78 5.64 -5.76
CA GLY A 257 25.73 4.83 -5.12
C GLY A 257 24.65 5.67 -4.47
N ARG A 258 25.09 6.69 -3.73
CA ARG A 258 24.18 7.65 -3.11
C ARG A 258 23.34 8.36 -4.16
N PHE A 259 23.96 8.82 -5.24
CA PHE A 259 23.21 9.52 -6.28
C PHE A 259 22.13 8.62 -6.89
N PHE A 260 22.51 7.38 -7.16
CA PHE A 260 21.61 6.36 -7.75
C PHE A 260 20.41 6.05 -6.82
N LEU A 261 20.70 5.77 -5.55
CA LEU A 261 19.66 5.46 -4.57
C LEU A 261 18.69 6.63 -4.35
N ALA A 262 19.22 7.85 -4.33
CA ALA A 262 18.36 9.04 -4.25
C ALA A 262 17.45 9.16 -5.49
N TRP A 263 18.04 9.02 -6.66
CA TRP A 263 17.29 9.13 -7.92
C TRP A 263 16.14 8.13 -7.97
N TYR A 264 16.45 6.88 -7.60
CA TYR A 264 15.49 5.77 -7.64
C TYR A 264 14.37 5.99 -6.64
N SER A 265 14.71 6.34 -5.41
CA SER A 265 13.68 6.58 -4.39
C SER A 265 12.93 7.91 -4.61
N ASN A 266 13.62 8.92 -5.13
CA ASN A 266 12.99 10.19 -5.44
C ASN A 266 11.89 10.02 -6.50
N ASN A 267 12.13 9.18 -7.49
CA ASN A 267 11.16 9.00 -8.58
C ASN A 267 9.86 8.42 -8.06
N LEU A 268 9.96 7.50 -7.10
N LEU A 268 9.95 7.49 -7.10
CA LEU A 268 8.78 6.96 -6.44
CA LEU A 268 8.76 6.99 -6.42
C LEU A 268 8.00 8.02 -5.68
C LEU A 268 7.99 8.07 -5.71
N ILE A 269 8.71 8.87 -4.93
CA ILE A 269 8.08 9.95 -4.17
C ILE A 269 7.38 10.93 -5.15
N LYS A 270 8.04 11.27 -6.25
CA LYS A 270 7.43 12.19 -7.27
C LYS A 270 6.20 11.55 -7.94
N HIS A 271 6.24 10.22 -8.14
CA HIS A 271 5.12 9.43 -8.73
C HIS A 271 3.89 9.52 -7.80
N GLY A 272 4.12 9.34 -6.51
CA GLY A 272 3.08 9.46 -5.50
C GLY A 272 2.48 10.85 -5.42
N ASP A 273 3.34 11.85 -5.46
CA ASP A 273 2.93 13.22 -5.29
C ASP A 273 2.01 13.69 -6.46
N ARG A 274 2.43 13.37 -7.69
N ARG A 274 2.39 13.38 -7.69
CA ARG A 274 1.71 13.70 -8.93
CA ARG A 274 1.65 13.83 -8.86
C ARG A 274 0.32 13.11 -8.93
C ARG A 274 0.31 13.10 -8.98
N ILE A 275 0.27 11.82 -8.61
CA ILE A 275 -0.96 11.05 -8.61
C ILE A 275 -1.88 11.48 -7.47
N LEU A 276 -1.31 11.72 -6.29
CA LEU A 276 -2.14 12.27 -5.19
C LEU A 276 -2.71 13.67 -5.51
N ASP A 277 -1.95 14.50 -6.21
CA ASP A 277 -2.47 15.82 -6.56
C ASP A 277 -3.74 15.67 -7.42
N GLU A 278 -3.70 14.76 -8.39
CA GLU A 278 -4.88 14.47 -9.24
C GLU A 278 -6.02 13.87 -8.43
N ALA A 279 -5.72 12.92 -7.55
CA ALA A 279 -6.75 12.31 -6.70
C ALA A 279 -7.42 13.36 -5.81
N ASN A 280 -6.59 14.24 -5.21
CA ASN A 280 -7.15 15.28 -4.35
C ASN A 280 -8.11 16.19 -5.14
N LYS A 281 -7.71 16.59 -6.35
CA LYS A 281 -8.59 17.41 -7.22
C LYS A 281 -9.91 16.69 -7.52
N VAL A 282 -9.85 15.38 -7.73
CA VAL A 282 -11.06 14.59 -8.01
C VAL A 282 -12.02 14.62 -6.84
N PHE A 283 -11.51 14.36 -5.64
CA PHE A 283 -12.38 14.11 -4.49
C PHE A 283 -12.57 15.35 -3.61
N LEU A 284 -12.12 16.49 -4.12
CA LEU A 284 -12.28 17.80 -3.47
C LEU A 284 -13.70 17.98 -2.97
N GLY A 285 -13.85 18.34 -1.69
CA GLY A 285 -15.18 18.60 -1.14
C GLY A 285 -15.98 17.40 -0.66
N TYR A 286 -15.52 16.18 -0.92
CA TYR A 286 -16.19 14.98 -0.41
C TYR A 286 -15.60 14.58 0.94
N LYS A 287 -16.42 13.93 1.76
CA LYS A 287 -16.01 13.56 3.12
C LYS A 287 -15.25 12.23 3.12
N VAL A 288 -14.07 12.24 2.53
CA VAL A 288 -13.23 11.07 2.43
C VAL A 288 -11.78 11.39 2.75
N GLN A 289 -11.08 10.37 3.19
N GLN A 289 -11.09 10.38 3.23
CA GLN A 289 -9.67 10.41 3.43
CA GLN A 289 -9.67 10.40 3.43
C GLN A 289 -8.99 9.78 2.23
C GLN A 289 -9.03 9.80 2.19
N LEU A 290 -7.95 10.42 1.70
CA LEU A 290 -7.10 9.80 0.70
C LEU A 290 -5.98 9.05 1.42
N ALA A 291 -5.66 7.83 0.97
CA ALA A 291 -4.56 7.01 1.52
C ALA A 291 -3.64 6.42 0.45
N ILE A 292 -2.38 6.17 0.84
CA ILE A 292 -1.47 5.34 0.06
C ILE A 292 -1.08 4.10 0.88
N LYS A 293 -0.57 3.07 0.20
CA LYS A 293 -0.01 1.88 0.86
C LYS A 293 1.50 1.81 0.69
N ILE A 294 2.18 1.69 1.82
CA ILE A 294 3.60 1.45 1.86
C ILE A 294 3.73 -0.04 2.16
N SER A 295 4.60 -0.69 1.39
CA SER A 295 4.89 -2.09 1.52
C SER A 295 5.78 -2.30 2.71
N GLY A 296 5.63 -3.44 3.38
CA GLY A 296 6.40 -3.75 4.59
C GLY A 296 7.54 -4.69 4.30
N ILE A 297 8.69 -4.13 3.99
CA ILE A 297 9.88 -4.88 3.57
C ILE A 297 10.77 -5.02 4.81
N HIS A 298 10.43 -6.00 5.64
CA HIS A 298 11.05 -6.18 6.94
C HIS A 298 12.36 -6.95 6.84
N TRP A 299 12.57 -7.63 5.71
CA TRP A 299 13.72 -8.49 5.54
C TRP A 299 14.95 -7.65 5.15
N TRP A 300 16.10 -8.03 5.71
CA TRP A 300 17.35 -7.25 5.70
C TRP A 300 17.30 -5.91 6.45
N TYR A 301 16.25 -5.65 7.22
CA TYR A 301 16.17 -4.40 8.02
C TYR A 301 17.28 -4.34 9.09
N LYS A 302 17.77 -5.51 9.53
CA LYS A 302 18.82 -5.63 10.52
C LYS A 302 20.25 -5.54 9.97
N VAL A 303 20.49 -5.27 8.69
CA VAL A 303 21.88 -5.09 8.22
C VAL A 303 22.05 -3.66 7.75
N PRO A 304 23.30 -3.14 7.71
CA PRO A 304 23.48 -1.70 7.38
C PRO A 304 22.86 -1.21 6.04
N SER A 305 22.89 -2.04 5.01
CA SER A 305 22.42 -1.64 3.68
C SER A 305 20.92 -1.68 3.49
N HIS A 306 20.16 -2.31 4.39
CA HIS A 306 18.69 -2.41 4.22
C HIS A 306 18.30 -2.80 2.77
N ALA A 307 18.94 -3.87 2.30
CA ALA A 307 19.05 -4.14 0.85
C ALA A 307 17.69 -4.24 0.18
N ALA A 308 16.78 -4.99 0.79
CA ALA A 308 15.48 -5.22 0.18
C ALA A 308 14.58 -3.97 0.20
N GLU A 309 14.73 -3.11 1.21
CA GLU A 309 14.07 -1.79 1.18
C GLU A 309 14.59 -0.95 0.04
N LEU A 310 15.92 -0.93 -0.15
CA LEU A 310 16.53 -0.10 -1.20
C LEU A 310 15.99 -0.50 -2.58
N THR A 311 15.91 -1.81 -2.85
CA THR A 311 15.43 -2.30 -4.15
C THR A 311 13.95 -2.04 -4.38
N ALA A 312 13.15 -2.04 -3.30
CA ALA A 312 11.75 -1.67 -3.39
C ALA A 312 11.56 -0.18 -3.67
N GLY A 313 12.60 0.62 -3.41
CA GLY A 313 12.56 2.05 -3.59
C GLY A 313 12.53 2.87 -2.31
N TYR A 314 12.64 2.21 -1.14
CA TYR A 314 12.66 2.91 0.15
C TYR A 314 14.14 3.12 0.58
N TYR A 315 14.62 4.37 0.50
CA TYR A 315 16.04 4.71 0.76
C TYR A 315 16.22 4.95 2.23
N ASN A 316 16.19 3.83 2.95
CA ASN A 316 16.18 3.81 4.41
C ASN A 316 17.47 3.21 4.95
N LEU A 317 18.21 3.95 5.77
CA LEU A 317 19.46 3.47 6.38
C LEU A 317 19.48 3.91 7.85
N HIS A 318 20.48 3.46 8.63
CA HIS A 318 20.52 3.84 10.05
C HIS A 318 20.47 5.37 10.30
N ASP A 319 21.03 6.16 9.36
CA ASP A 319 21.10 7.63 9.50
C ASP A 319 20.31 8.40 8.43
N ARG A 320 19.33 7.74 7.77
CA ARG A 320 18.52 8.35 6.74
C ARG A 320 17.11 7.78 6.76
N ASP A 321 16.11 8.58 7.11
CA ASP A 321 14.73 8.08 7.26
C ASP A 321 13.99 8.16 5.92
N GLY A 322 13.98 7.03 5.24
CA GLY A 322 13.38 6.88 3.95
C GLY A 322 11.88 6.75 3.98
N TYR A 323 11.26 6.70 5.17
CA TYR A 323 9.79 6.74 5.28
C TYR A 323 9.25 8.11 5.69
N ARG A 324 10.03 8.88 6.44
CA ARG A 324 9.61 10.23 6.80
C ARG A 324 9.68 11.18 5.61
N THR A 325 10.55 10.90 4.64
CA THR A 325 10.54 11.68 3.40
C THR A 325 9.18 11.49 2.69
N ILE A 326 8.76 10.23 2.60
CA ILE A 326 7.49 9.87 2.02
C ILE A 326 6.35 10.55 2.81
N ALA A 327 6.39 10.48 4.14
CA ALA A 327 5.35 11.13 4.94
C ALA A 327 5.27 12.64 4.74
N ARG A 328 6.43 13.30 4.63
CA ARG A 328 6.51 14.73 4.36
C ARG A 328 5.88 15.09 2.99
N MET A 329 6.11 14.26 1.99
CA MET A 329 5.44 14.40 0.66
C MET A 329 3.92 14.33 0.78
N LEU A 330 3.43 13.41 1.60
CA LEU A 330 2.00 13.21 1.84
C LEU A 330 1.31 14.35 2.60
N LYS A 331 2.07 15.09 3.42
CA LYS A 331 1.50 16.10 4.30
C LYS A 331 0.63 17.15 3.60
N ARG A 332 1.08 17.72 2.48
CA ARG A 332 0.30 18.76 1.81
C ARG A 332 -1.07 18.26 1.33
N HIS A 333 -1.15 16.98 1.00
CA HIS A 333 -2.40 16.38 0.48
C HIS A 333 -3.31 16.00 1.62
N ARG A 334 -2.82 16.01 2.86
CA ARG A 334 -3.53 15.45 4.00
C ARG A 334 -3.91 13.98 3.72
N ALA A 335 -2.98 13.28 3.10
CA ALA A 335 -3.13 11.88 2.80
C ALA A 335 -2.61 11.08 3.99
N SER A 336 -3.25 9.92 4.20
CA SER A 336 -2.88 8.98 5.25
C SER A 336 -1.95 7.89 4.74
N ILE A 337 -1.25 7.26 5.69
CA ILE A 337 -0.41 6.10 5.42
C ILE A 337 -1.16 4.89 5.89
N ASN A 338 -1.28 3.90 4.99
CA ASN A 338 -1.74 2.57 5.32
C ASN A 338 -0.49 1.67 5.26
N PHE A 339 -0.10 1.09 6.39
CA PHE A 339 1.10 0.25 6.45
C PHE A 339 0.71 -1.22 6.66
N THR A 340 1.69 -2.10 6.84
CA THR A 340 1.38 -3.51 7.03
C THR A 340 2.26 -4.09 8.13
N CYS A 341 2.26 -5.41 8.28
CA CYS A 341 3.02 -6.09 9.34
C CYS A 341 2.57 -5.83 10.80
N ALA A 342 1.34 -5.36 11.00
CA ALA A 342 0.87 -5.01 12.35
C ALA A 342 0.71 -6.19 13.29
N GLU A 343 0.73 -7.40 12.73
CA GLU A 343 0.53 -8.63 13.46
C GLU A 343 1.83 -9.38 13.77
N MET A 344 2.97 -8.89 13.29
CA MET A 344 4.23 -9.63 13.31
C MET A 344 5.11 -9.31 14.52
N ARG A 345 5.71 -10.36 15.08
CA ARG A 345 6.75 -10.22 16.10
C ARG A 345 8.05 -10.65 15.47
N ASP A 346 9.16 -10.00 15.87
CA ASP A 346 10.51 -10.34 15.37
C ASP A 346 10.88 -11.81 15.65
N SER A 347 10.39 -12.34 16.77
CA SER A 347 10.65 -13.74 17.13
C SER A 347 9.95 -14.76 16.23
N GLU A 348 8.91 -14.36 15.50
CA GLU A 348 8.23 -15.26 14.55
C GLU A 348 8.96 -15.39 13.18
N GLN A 349 10.00 -14.57 12.94
CA GLN A 349 10.68 -14.53 11.64
C GLN A 349 11.92 -15.40 11.68
N SER A 350 12.40 -15.82 10.51
CA SER A 350 13.60 -16.67 10.48
C SER A 350 14.87 -15.80 10.54
N SER A 351 15.88 -16.29 11.27
CA SER A 351 17.16 -15.60 11.47
C SER A 351 17.89 -15.22 10.20
N GLN A 352 17.96 -16.17 9.27
CA GLN A 352 18.56 -15.95 7.95
C GLN A 352 18.16 -14.63 7.28
N ALA A 353 16.87 -14.32 7.34
CA ALA A 353 16.29 -13.13 6.68
C ALA A 353 16.71 -11.76 7.29
N MET A 354 17.25 -11.76 8.52
CA MET A 354 17.70 -10.55 9.19
C MET A 354 16.55 -9.55 9.27
N SER A 355 15.44 -10.07 9.78
CA SER A 355 14.13 -9.45 9.74
C SER A 355 13.67 -8.76 11.04
N ALA A 356 13.16 -7.52 10.93
CA ALA A 356 12.75 -6.72 12.10
C ALA A 356 11.45 -5.96 11.84
N PRO A 357 10.33 -6.69 11.63
CA PRO A 357 9.04 -6.05 11.41
C PRO A 357 8.55 -5.14 12.52
N GLU A 358 8.80 -5.50 13.77
CA GLU A 358 8.43 -4.64 14.91
C GLU A 358 9.07 -3.25 14.85
N GLU A 359 10.37 -3.22 14.57
CA GLU A 359 11.10 -1.97 14.45
C GLU A 359 10.70 -1.17 13.21
N LEU A 360 10.46 -1.89 12.10
CA LEU A 360 10.00 -1.25 10.88
C LEU A 360 8.65 -0.60 11.11
N VAL A 361 7.75 -1.32 11.79
CA VAL A 361 6.41 -0.80 12.09
C VAL A 361 6.55 0.48 12.95
N GLN A 362 7.40 0.39 13.98
CA GLN A 362 7.67 1.53 14.84
C GLN A 362 8.21 2.75 14.10
N GLN A 363 9.07 2.50 13.12
CA GLN A 363 9.69 3.55 12.34
C GLN A 363 8.66 4.27 11.47
N VAL A 364 7.81 3.52 10.79
CA VAL A 364 6.85 4.09 9.83
C VAL A 364 5.72 4.82 10.56
N LEU A 365 5.21 4.23 11.62
CA LEU A 365 4.17 4.86 12.41
C LEU A 365 4.69 6.17 13.02
N SER A 366 5.92 6.15 13.54
CA SER A 366 6.51 7.34 14.15
C SER A 366 6.75 8.42 13.10
N ALA A 367 7.15 8.04 11.88
CA ALA A 367 7.31 9.01 10.79
C ALA A 367 5.97 9.68 10.42
N GLY A 368 4.89 8.91 10.32
CA GLY A 368 3.55 9.49 10.04
C GLY A 368 3.06 10.45 11.11
N TRP A 369 3.18 10.03 12.36
CA TRP A 369 2.75 10.86 13.48
C TRP A 369 3.58 12.14 13.64
N ARG A 370 4.89 12.07 13.40
CA ARG A 370 5.71 13.28 13.46
C ARG A 370 5.33 14.26 12.34
N GLU A 371 4.81 13.76 11.21
CA GLU A 371 4.32 14.63 10.15
C GLU A 371 2.84 15.02 10.28
N GLY A 372 2.18 14.57 11.35
CA GLY A 372 0.79 14.94 11.60
C GLY A 372 -0.23 14.14 10.78
N LEU A 373 0.17 12.97 10.29
CA LEU A 373 -0.72 12.18 9.44
C LEU A 373 -1.53 11.19 10.27
N ASN A 374 -2.71 10.83 9.76
CA ASN A 374 -3.42 9.63 10.20
C ASN A 374 -2.65 8.41 9.71
N VAL A 375 -2.46 7.43 10.59
CA VAL A 375 -1.84 6.17 10.20
C VAL A 375 -2.74 4.98 10.50
N ALA A 376 -2.88 4.10 9.51
CA ALA A 376 -3.62 2.85 9.62
C ALA A 376 -2.67 1.70 9.29
N CYS A 377 -3.04 0.47 9.65
N CYS A 377 -3.04 0.48 9.66
CA CYS A 377 -2.19 -0.69 9.36
CA CYS A 377 -2.22 -0.71 9.36
C CYS A 377 -3.02 -1.92 8.99
C CYS A 377 -3.07 -1.85 8.83
N GLU A 378 -2.38 -2.87 8.34
CA GLU A 378 -2.97 -4.16 7.97
C GLU A 378 -2.06 -5.26 8.53
N ASN A 379 -2.61 -6.46 8.70
CA ASN A 379 -1.77 -7.66 8.86
C ASN A 379 -1.22 -8.08 7.49
N ALA A 380 0.07 -8.38 7.44
CA ALA A 380 0.80 -8.85 6.27
C ALA A 380 0.42 -10.28 5.83
N LEU A 381 0.23 -11.18 6.80
CA LEU A 381 -0.11 -12.58 6.54
C LEU A 381 -1.35 -13.03 7.32
N PRO A 382 -2.06 -14.09 6.83
CA PRO A 382 -3.25 -14.60 7.53
C PRO A 382 -2.91 -15.09 8.93
N ARG A 383 -3.69 -14.61 9.90
CA ARG A 383 -3.56 -15.01 11.30
C ARG A 383 -4.95 -15.03 11.93
N TYR A 384 -5.23 -16.04 12.74
CA TYR A 384 -6.52 -16.22 13.44
C TYR A 384 -6.40 -16.29 14.99
N ASP A 385 -5.16 -16.20 15.47
CA ASP A 385 -4.80 -16.56 16.85
C ASP A 385 -4.71 -15.33 17.80
N PRO A 386 -4.98 -15.55 19.10
CA PRO A 386 -4.86 -14.48 20.10
C PRO A 386 -3.56 -13.69 20.07
N THR A 387 -2.42 -14.36 19.88
CA THR A 387 -1.11 -13.68 19.84
C THR A 387 -1.02 -12.62 18.75
N ALA A 388 -1.47 -12.97 17.55
CA ALA A 388 -1.44 -12.04 16.44
C ALA A 388 -2.28 -10.85 16.80
N TYR A 389 -3.47 -11.12 17.33
CA TYR A 389 -4.42 -10.07 17.69
C TYR A 389 -3.86 -9.17 18.81
N ASN A 390 -3.16 -9.78 19.76
CA ASN A 390 -2.45 -9.00 20.79
C ASN A 390 -1.31 -8.14 20.22
N THR A 391 -0.62 -8.63 19.20
CA THR A 391 0.40 -7.84 18.55
C THR A 391 -0.18 -6.63 17.83
N ILE A 392 -1.33 -6.83 17.18
CA ILE A 392 -2.05 -5.75 16.54
C ILE A 392 -2.50 -4.70 17.56
N LEU A 393 -3.03 -5.19 18.68
CA LEU A 393 -3.52 -4.33 19.75
C LEU A 393 -2.42 -3.42 20.29
N ARG A 394 -1.22 -4.00 20.49
CA ARG A 394 -0.07 -3.24 20.90
C ARG A 394 0.26 -2.11 19.91
N ASN A 395 0.30 -2.44 18.60
CA ASN A 395 0.60 -1.45 17.59
C ASN A 395 -0.51 -0.41 17.44
N ALA A 396 -1.75 -0.79 17.74
CA ALA A 396 -2.92 0.12 17.63
C ALA A 396 -2.92 1.25 18.68
N ARG A 397 -2.45 0.92 19.89
CA ARG A 397 -2.30 1.87 21.00
C ARG A 397 -0.94 1.64 21.69
N PRO A 398 0.14 2.16 21.08
CA PRO A 398 1.51 1.84 21.53
C PRO A 398 1.88 2.23 22.95
N HIS A 399 1.15 3.18 23.53
CA HIS A 399 1.34 3.59 24.93
C HIS A 399 0.16 3.14 25.80
N GLY A 400 -0.70 2.25 25.30
CA GLY A 400 -1.84 1.70 26.04
C GLY A 400 -3.08 2.57 26.06
N ILE A 401 -4.03 2.21 26.92
CA ILE A 401 -5.27 2.97 27.15
C ILE A 401 -4.97 4.24 27.94
N ASN A 402 -5.55 5.35 27.51
CA ASN A 402 -5.63 6.55 28.37
C ASN A 402 -7.03 6.65 28.98
N GLN A 403 -7.11 6.57 30.32
CA GLN A 403 -8.38 6.65 31.02
C GLN A 403 -8.99 8.06 30.99
N SER A 404 -8.16 9.10 30.93
CA SER A 404 -8.65 10.50 31.06
C SER A 404 -9.28 10.98 29.74
N GLY A 405 -8.51 10.89 28.66
CA GLY A 405 -8.95 11.26 27.31
C GLY A 405 -8.42 10.27 26.29
N PRO A 406 -8.04 10.74 25.09
CA PRO A 406 -7.38 9.85 24.10
C PRO A 406 -5.89 9.65 24.43
N PRO A 407 -5.28 8.60 23.86
CA PRO A 407 -3.84 8.33 24.11
C PRO A 407 -2.98 9.28 23.28
N GLU A 408 -1.68 9.35 23.57
CA GLU A 408 -0.81 10.25 22.80
C GLU A 408 -0.78 9.86 21.31
N HIS A 409 -0.81 8.57 21.01
CA HIS A 409 -0.76 8.10 19.64
C HIS A 409 -1.64 6.87 19.52
N LYS A 410 -2.25 6.71 18.36
CA LYS A 410 -2.99 5.52 18.07
C LYS A 410 -3.15 5.40 16.56
N LEU A 411 -3.42 4.19 16.11
CA LEU A 411 -3.82 4.01 14.73
C LEU A 411 -5.20 4.62 14.49
N PHE A 412 -5.36 5.20 13.31
CA PHE A 412 -6.63 5.72 12.88
C PHE A 412 -7.57 4.57 12.46
N GLY A 413 -7.00 3.46 12.03
CA GLY A 413 -7.76 2.27 11.71
C GLY A 413 -6.85 1.07 11.56
N PHE A 414 -7.46 -0.12 11.52
CA PHE A 414 -6.78 -1.37 11.24
C PHE A 414 -7.68 -2.13 10.24
N THR A 415 -7.11 -2.61 9.14
CA THR A 415 -7.83 -3.45 8.18
C THR A 415 -7.29 -4.88 8.22
N TYR A 416 -8.20 -5.83 8.45
CA TYR A 416 -7.90 -7.26 8.55
C TYR A 416 -7.95 -8.00 7.20
N LEU A 417 -6.87 -8.67 6.87
CA LEU A 417 -6.73 -9.50 5.66
C LEU A 417 -6.93 -10.96 6.07
N ARG A 418 -7.99 -11.69 5.65
CA ARG A 418 -9.01 -11.27 4.70
C ARG A 418 -10.30 -12.04 5.01
N LEU A 419 -11.45 -11.52 4.60
CA LEU A 419 -12.71 -12.22 4.81
C LEU A 419 -12.76 -13.57 4.07
N SER A 420 -13.25 -14.57 4.80
CA SER A 420 -13.72 -15.82 4.22
C SER A 420 -14.62 -16.50 5.23
N ASN A 421 -15.22 -17.62 4.83
CA ASN A 421 -16.00 -18.45 5.74
C ASN A 421 -15.22 -18.86 6.98
N GLN A 422 -13.94 -19.13 6.80
CA GLN A 422 -13.03 -19.50 7.90
C GLN A 422 -13.02 -18.45 9.04
N LEU A 423 -13.09 -17.17 8.68
CA LEU A 423 -13.09 -16.08 9.66
C LEU A 423 -14.36 -16.02 10.49
N VAL A 424 -15.48 -16.35 9.86
CA VAL A 424 -16.81 -16.13 10.46
C VAL A 424 -17.47 -17.40 11.03
N GLU A 425 -16.67 -18.45 11.25
CA GLU A 425 -17.12 -19.69 11.87
C GLU A 425 -16.16 -20.14 12.96
N GLY A 426 -16.65 -21.04 13.82
CA GLY A 426 -15.83 -21.73 14.82
C GLY A 426 -15.15 -20.78 15.80
N GLN A 427 -14.04 -21.25 16.36
CA GLN A 427 -13.27 -20.45 17.31
C GLN A 427 -12.63 -19.21 16.67
N ASN A 428 -12.27 -19.29 15.39
CA ASN A 428 -11.75 -18.12 14.65
C ASN A 428 -12.60 -16.86 14.87
N TYR A 429 -13.92 -17.01 14.70
CA TYR A 429 -14.89 -15.93 14.87
C TYR A 429 -14.98 -15.42 16.32
N VAL A 430 -14.99 -16.35 17.28
CA VAL A 430 -14.94 -15.98 18.71
C VAL A 430 -13.70 -15.11 18.96
N ASN A 431 -12.52 -15.53 18.51
CA ASN A 431 -11.27 -14.76 18.68
C ASN A 431 -11.36 -13.40 18.00
N PHE A 432 -11.89 -13.39 16.78
CA PHE A 432 -11.98 -12.16 15.99
C PHE A 432 -12.92 -11.16 16.64
N LYS A 433 -14.09 -11.63 17.05
CA LYS A 433 -15.07 -10.78 17.74
C LYS A 433 -14.52 -10.17 19.03
N THR A 434 -13.77 -10.97 19.80
CA THR A 434 -13.10 -10.49 21.00
C THR A 434 -12.04 -9.43 20.66
N PHE A 435 -11.29 -9.67 19.59
CA PHE A 435 -10.30 -8.71 19.10
C PHE A 435 -10.95 -7.34 18.77
N VAL A 436 -12.12 -7.38 18.14
CA VAL A 436 -12.85 -6.16 17.81
C VAL A 436 -13.35 -5.43 19.08
N ASP A 437 -13.81 -6.14 20.09
CA ASP A 437 -14.16 -5.49 21.38
C ASP A 437 -12.96 -4.72 21.95
N ARG A 438 -11.80 -5.36 21.95
CA ARG A 438 -10.56 -4.78 22.48
C ARG A 438 -10.08 -3.56 21.69
N MET A 439 -10.18 -3.60 20.35
CA MET A 439 -9.83 -2.45 19.53
C MET A 439 -10.78 -1.30 19.79
N HIS A 440 -12.05 -1.62 20.06
CA HIS A 440 -13.02 -0.61 20.49
C HIS A 440 -12.92 -0.22 22.00
N ALA A 441 -11.85 -0.60 22.68
CA ALA A 441 -11.71 -0.37 24.14
C ALA A 441 -12.93 -0.90 24.92
N ASN A 442 -13.43 -2.06 24.49
CA ASN A 442 -14.62 -2.72 25.04
C ASN A 442 -15.93 -1.89 25.04
N LEU A 443 -16.03 -0.90 24.15
CA LEU A 443 -17.24 -0.10 24.01
C LEU A 443 -18.05 -0.65 22.84
N PRO A 444 -19.36 -0.38 22.82
CA PRO A 444 -20.14 -0.76 21.65
C PRO A 444 -19.67 -0.09 20.37
N ARG A 445 -20.07 -0.69 19.25
CA ARG A 445 -19.75 -0.17 17.94
C ARG A 445 -20.37 1.22 17.74
N ASP A 446 -19.58 2.17 17.27
CA ASP A 446 -20.03 3.53 17.04
C ASP A 446 -19.85 3.90 15.53
N PRO A 447 -20.94 3.91 14.77
CA PRO A 447 -20.79 4.26 13.34
C PRO A 447 -20.35 5.72 13.08
N TYR A 448 -20.54 6.63 14.04
CA TYR A 448 -20.25 8.05 13.83
C TYR A 448 -18.92 8.53 14.38
N VAL A 449 -18.07 7.61 14.84
CA VAL A 449 -16.68 7.92 15.24
C VAL A 449 -15.83 8.39 14.04
N ASP A 450 -14.82 9.22 14.29
CA ASP A 450 -13.87 9.66 13.26
C ASP A 450 -14.52 10.32 12.00
N PRO A 451 -15.51 11.22 12.21
CA PRO A 451 -16.16 11.92 11.10
C PRO A 451 -15.15 12.66 10.24
N MET A 452 -15.31 12.59 8.92
CA MET A 452 -14.40 13.27 8.01
C MET A 452 -14.96 14.64 7.65
N ALA A 453 -14.07 15.62 7.55
CA ALA A 453 -14.41 16.93 7.02
C ALA A 453 -14.38 16.88 5.50
N PRO A 454 -15.08 17.82 4.83
CA PRO A 454 -14.90 17.96 3.37
C PRO A 454 -13.44 18.08 3.01
N LEU A 455 -12.99 17.26 2.06
CA LEU A 455 -11.57 17.21 1.68
C LEU A 455 -11.14 18.59 1.16
N PRO A 456 -10.14 19.21 1.81
CA PRO A 456 -9.62 20.47 1.29
C PRO A 456 -8.64 20.21 0.17
N ARG A 457 -8.38 21.24 -0.65
CA ARG A 457 -7.40 21.12 -1.70
C ARG A 457 -6.01 20.98 -1.11
N SER A 458 -5.15 20.22 -1.80
CA SER A 458 -3.76 20.02 -1.39
C SER A 458 -3.07 21.38 -1.27
N GLY A 459 -2.17 21.46 -0.27
CA GLY A 459 -1.41 22.68 -0.05
C GLY A 459 -0.37 22.84 -1.14
N PRO A 460 0.45 23.90 -1.05
CA PRO A 460 1.41 24.22 -2.10
C PRO A 460 2.41 23.11 -2.36
N GLU A 461 2.72 22.92 -3.65
CA GLU A 461 3.73 21.98 -4.10
C GLU A 461 5.10 22.35 -3.51
N ILE A 462 5.80 21.35 -2.98
CA ILE A 462 7.14 21.50 -2.45
C ILE A 462 8.08 20.62 -3.25
N SER A 463 9.33 21.06 -3.33
CA SER A 463 10.33 20.44 -4.14
C SER A 463 10.88 19.19 -3.49
N ILE A 464 11.61 18.44 -4.31
CA ILE A 464 12.25 17.24 -3.83
C ILE A 464 13.31 17.58 -2.74
N GLU A 465 13.98 18.72 -2.88
CA GLU A 465 14.96 19.14 -1.86
C GLU A 465 14.25 19.46 -0.53
N MET A 466 13.07 20.04 -0.59
CA MET A 466 12.27 20.30 0.60
C MET A 466 11.77 19.02 1.29
N ILE A 467 11.31 18.07 0.49
CA ILE A 467 10.88 16.80 1.01
C ILE A 467 12.04 16.06 1.69
N LEU A 468 13.21 16.09 1.06
CA LEU A 468 14.37 15.34 1.56
C LEU A 468 14.89 15.89 2.92
N GLN A 469 14.50 17.09 3.32
CA GLN A 469 14.93 17.64 4.63
C GLN A 469 14.48 16.74 5.79
N ALA A 470 13.39 15.98 5.59
CA ALA A 470 12.87 15.05 6.57
C ALA A 470 13.71 13.81 6.80
N ALA A 471 14.64 13.53 5.90
CA ALA A 471 15.44 12.34 5.98
C ALA A 471 16.40 12.35 7.18
N GLN A 472 16.91 13.52 7.54
CA GLN A 472 17.92 13.66 8.61
C GLN A 472 17.63 14.91 9.48
N PRO A 473 18.02 14.89 10.76
CA PRO A 473 18.55 13.71 11.46
C PRO A 473 17.49 12.65 11.65
N LYS A 474 17.90 11.39 11.59
CA LYS A 474 16.98 10.27 11.80
C LYS A 474 16.75 10.16 13.33
N LEU A 475 15.47 10.18 13.74
CA LEU A 475 15.06 10.15 15.14
C LEU A 475 14.72 8.76 15.53
N GLN A 476 14.96 8.43 16.79
CA GLN A 476 14.47 7.17 17.34
C GLN A 476 12.92 7.20 17.29
N PRO A 477 12.30 6.01 17.13
CA PRO A 477 10.83 5.97 17.15
C PRO A 477 10.30 6.28 18.55
N PHE A 478 9.01 6.59 18.63
CA PHE A 478 8.38 6.73 19.93
C PHE A 478 8.46 5.37 20.66
N PRO A 479 8.53 5.37 22.01
CA PRO A 479 8.60 4.06 22.70
C PRO A 479 7.29 3.31 22.55
N PHE A 480 7.37 2.01 22.30
CA PHE A 480 6.18 1.15 22.21
C PHE A 480 6.16 0.23 23.42
N GLN A 481 5.01 0.05 24.06
CA GLN A 481 4.88 -0.98 25.11
C GLN A 481 5.22 -2.36 24.54
N GLU A 482 5.81 -3.23 25.35
CA GLU A 482 6.17 -4.56 24.87
C GLU A 482 4.92 -5.37 24.58
N HIS A 483 3.93 -5.27 25.47
CA HIS A 483 2.68 -6.04 25.38
C HIS A 483 1.49 -5.09 25.53
N THR A 484 0.38 -5.38 24.84
CA THR A 484 -0.85 -4.62 25.07
C THR A 484 -1.35 -4.74 26.53
N ASP A 485 -1.94 -3.65 27.01
CA ASP A 485 -2.63 -3.62 28.30
C ASP A 485 -4.09 -4.07 28.22
N LEU A 486 -4.61 -4.32 27.01
CA LEU A 486 -5.99 -4.79 26.86
C LEU A 486 -6.03 -6.04 25.96
N PRO A 487 -5.46 -7.15 26.45
CA PRO A 487 -5.38 -8.35 25.64
C PRO A 487 -6.74 -9.03 25.40
N VAL A 488 -6.76 -9.92 24.41
CA VAL A 488 -7.96 -10.69 24.11
C VAL A 488 -8.30 -11.65 25.25
N GLY A 489 -7.29 -12.32 25.80
CA GLY A 489 -7.45 -13.22 26.94
C GLY A 489 -7.49 -14.67 26.51
#